data_6JYZ
#
_entry.id   6JYZ
#
_cell.length_a   76.196
_cell.length_b   114.520
_cell.length_c   128.128
_cell.angle_alpha   90.000
_cell.angle_beta   90.000
_cell.angle_gamma   90.000
#
_symmetry.space_group_name_H-M   'C 2 2 21'
#
loop_
_entity.id
_entity.type
_entity.pdbx_description
1 polymer 'Putative secreted endoglycosylceramidase'
2 non-polymer 2-{2-[2-(2-{2-[2-(2-ETHOXY-ETHOXY)-ETHOXY]-ETHOXY}-ETHOXY)-ETHOXY]-ETHOXY}-ETHANOL
3 non-polymer 'ISOPROPYL ALCOHOL'
4 non-polymer 1,2-ETHANEDIOL
5 water water
#
_entity_poly.entity_id   1
_entity_poly.type   'polypeptide(L)'
_entity_poly.pdbx_seq_one_letter_code
;MGSSHHHHHHSSGLVPRGSHMLPRLTVEDGAIKDVDGRTVLLRGANVNGLNDYASNGAGLPTVAPLDRTDFEAMAALGFD
VVRLNIAWSALEPTPGAFDAAYVARIREAVQDAKDNGIYTVLDMHQDAWGPYVGTPEGQDCPPLLQRGIGWDGAPEWATL
TGGWTTCNIGGQREASPAVARAFQAFYDDEQGVQGHLVQTWARLAAEFRNEPAVVGYDLLNEPNPGLRDPFAAADQIGRF
YQRAIAAIRQAETGGFPHLVIFEPSALWSAFGFDALPPRHYLADPLVVFSPHLYSQSINVSSEFPSIEDGFRIAVAAADW
YGAPLWTGEWGWFGDPDEQAGQVRRFVDAMNTHRIGGAWWSWTQACGDPHAVKDGNTAEPQGNLNRIDCPSGEEQGLVEG
FAEQLARAYPRAAPGLTEVATEGFRGDGSGRIEAWYPGAERPQLDTVNVADVALTRVDGGWRLIGEAAGEYSVTTL
;
_entity_poly.pdbx_strand_id   A
#
# COMPACT_ATOMS: atom_id res chain seq x y z
N LEU A 22 16.46 -3.78 6.57
CA LEU A 22 17.75 -4.44 6.97
C LEU A 22 18.25 -5.45 5.93
N PRO A 23 17.95 -6.77 5.94
CA PRO A 23 18.43 -7.63 4.87
C PRO A 23 17.63 -7.45 3.58
N ARG A 24 18.25 -7.71 2.46
CA ARG A 24 17.60 -7.61 1.16
C ARG A 24 16.48 -8.65 1.12
N LEU A 25 15.38 -8.24 0.46
CA LEU A 25 14.23 -9.13 0.26
C LEU A 25 14.18 -9.66 -1.16
N THR A 26 13.68 -10.86 -1.32
CA THR A 26 13.52 -11.60 -2.55
C THR A 26 12.22 -12.38 -2.47
N VAL A 27 11.96 -13.20 -3.50
CA VAL A 27 10.81 -14.06 -3.54
C VAL A 27 11.32 -15.48 -3.76
N GLU A 28 10.79 -16.43 -2.99
CA GLU A 28 11.09 -17.82 -3.32
C GLU A 28 9.83 -18.62 -2.97
N ASP A 29 9.40 -19.48 -3.93
CA ASP A 29 8.39 -20.47 -3.63
C ASP A 29 7.14 -19.80 -3.14
N GLY A 30 6.77 -18.70 -3.80
CA GLY A 30 5.50 -18.12 -3.52
C GLY A 30 5.47 -17.23 -2.28
N ALA A 31 6.68 -17.01 -1.63
CA ALA A 31 6.72 -16.18 -0.43
C ALA A 31 7.74 -15.07 -0.57
N ILE A 32 7.47 -13.97 0.10
CA ILE A 32 8.51 -12.95 0.34
C ILE A 32 9.47 -13.49 1.39
N LYS A 33 10.74 -13.50 1.05
CA LYS A 33 11.79 -13.98 1.95
C LYS A 33 12.93 -13.00 1.98
N ASP A 34 13.83 -13.12 2.95
CA ASP A 34 15.07 -12.37 2.84
C ASP A 34 16.14 -13.28 2.25
N VAL A 35 17.29 -12.63 1.98
CA VAL A 35 18.38 -13.40 1.37
C VAL A 35 19.02 -14.41 2.31
N ASP A 36 18.65 -14.38 3.58
CA ASP A 36 19.11 -15.33 4.59
C ASP A 36 18.12 -16.51 4.61
N GLY A 37 17.09 -16.52 3.75
CA GLY A 37 16.13 -17.60 3.63
C GLY A 37 14.91 -17.47 4.56
N ARG A 38 14.80 -16.43 5.35
CA ARG A 38 13.68 -16.35 6.28
C ARG A 38 12.42 -15.84 5.60
N THR A 39 11.28 -16.41 5.95
CA THR A 39 10.00 -15.92 5.49
C THR A 39 9.71 -14.61 6.20
N VAL A 40 9.33 -13.56 5.44
CA VAL A 40 9.13 -12.24 5.99
C VAL A 40 7.67 -11.86 5.91
N LEU A 41 7.07 -11.39 7.00
CA LEU A 41 5.75 -10.82 6.97
C LEU A 41 5.92 -9.31 7.08
N LEU A 42 5.43 -8.63 6.05
CA LEU A 42 5.53 -7.18 5.94
C LEU A 42 4.18 -6.60 6.31
N ARG A 43 4.01 -6.11 7.54
CA ARG A 43 2.73 -5.57 8.00
C ARG A 43 2.93 -4.15 8.44
N GLY A 44 2.07 -3.26 8.00
CA GLY A 44 2.26 -1.85 8.36
C GLY A 44 1.14 -1.00 7.81
N ALA A 45 1.48 0.21 7.37
CA ALA A 45 0.43 1.18 7.00
C ALA A 45 0.89 1.96 5.76
N ASN A 46 -0.12 2.48 5.06
CA ASN A 46 0.05 3.49 4.03
C ASN A 46 0.35 4.86 4.68
N VAL A 47 1.33 5.55 4.07
CA VAL A 47 1.77 6.86 4.56
C VAL A 47 1.79 7.83 3.37
N ASN A 48 0.97 8.84 3.40
CA ASN A 48 0.79 9.74 2.26
C ASN A 48 1.45 11.10 2.44
N GLY A 49 2.33 11.27 3.44
CA GLY A 49 2.87 12.62 3.69
C GLY A 49 3.66 13.19 2.54
N LEU A 50 4.18 12.41 1.62
CA LEU A 50 4.89 12.96 0.46
C LEU A 50 4.01 13.03 -0.78
N ASN A 51 2.74 12.68 -0.67
CA ASN A 51 1.85 12.74 -1.85
C ASN A 51 1.46 14.19 -2.13
N ASP A 52 1.03 14.42 -3.38
CA ASP A 52 0.74 15.76 -3.91
C ASP A 52 -0.75 15.82 -4.21
N TYR A 53 -1.58 16.30 -3.31
CA TYR A 53 -3.02 16.35 -3.52
C TYR A 53 -3.43 17.74 -3.97
N ALA A 54 -4.49 17.80 -4.77
CA ALA A 54 -5.18 19.07 -5.02
C ALA A 54 -5.69 19.58 -3.66
N SER A 55 -5.65 20.93 -3.56
CA SER A 55 -6.17 21.57 -2.37
C SER A 55 -7.66 21.84 -2.44
N ASN A 56 -8.22 21.91 -3.68
CA ASN A 56 -9.66 21.99 -3.86
C ASN A 56 -10.31 23.23 -3.19
N GLY A 57 -9.50 24.29 -3.03
CA GLY A 57 -10.01 25.57 -2.48
C GLY A 57 -10.31 25.50 -0.99
N ALA A 58 -9.99 24.41 -0.26
CA ALA A 58 -10.39 24.29 1.14
C ALA A 58 -9.50 25.11 2.06
N GLY A 59 -8.33 25.55 1.61
CA GLY A 59 -7.45 26.40 2.46
C GLY A 59 -6.85 25.64 3.65
N LEU A 60 -6.73 24.30 3.58
CA LEU A 60 -6.28 23.45 4.67
C LEU A 60 -5.16 22.56 4.18
N PRO A 61 -4.23 22.12 5.04
CA PRO A 61 -3.18 21.18 4.63
C PRO A 61 -3.86 19.91 4.11
N THR A 62 -3.27 19.34 3.05
CA THR A 62 -3.80 18.11 2.47
C THR A 62 -3.11 16.88 3.04
N VAL A 63 -1.96 17.06 3.71
CA VAL A 63 -1.28 15.95 4.36
C VAL A 63 -0.80 16.43 5.72
N ALA A 64 -0.55 15.47 6.59
CA ALA A 64 0.09 15.82 7.86
C ALA A 64 1.58 15.93 7.61
N PRO A 65 2.35 16.67 8.43
CA PRO A 65 3.81 16.62 8.36
C PRO A 65 4.34 15.20 8.56
N LEU A 66 5.46 14.91 7.93
CA LEU A 66 6.02 13.57 8.01
C LEU A 66 7.49 13.69 8.38
N ASP A 67 7.86 13.06 9.48
CA ASP A 67 9.27 13.11 9.88
C ASP A 67 9.56 11.83 10.65
N ARG A 68 10.75 11.78 11.27
CA ARG A 68 11.20 10.53 11.86
C ARG A 68 10.28 10.13 13.00
N THR A 69 9.60 11.06 13.66
CA THR A 69 8.77 10.71 14.78
C THR A 69 7.58 9.85 14.30
N ASP A 70 7.10 10.04 13.07
CA ASP A 70 6.01 9.20 12.57
C ASP A 70 6.49 7.76 12.45
N PHE A 71 7.71 7.56 11.95
CA PHE A 71 8.24 6.21 11.80
C PHE A 71 8.52 5.58 13.17
N GLU A 72 8.92 6.38 14.18
CA GLU A 72 9.07 5.83 15.53
C GLU A 72 7.69 5.38 16.03
N ALA A 73 6.63 6.15 15.78
CA ALA A 73 5.30 5.78 16.20
C ALA A 73 4.83 4.51 15.50
N MET A 74 5.16 4.36 14.19
CA MET A 74 4.78 3.13 13.46
C MET A 74 5.47 1.93 14.09
N ALA A 75 6.75 2.06 14.37
CA ALA A 75 7.48 0.94 14.99
C ALA A 75 6.88 0.61 16.36
N ALA A 76 6.30 1.60 17.06
CA ALA A 76 5.71 1.34 18.36
C ALA A 76 4.39 0.61 18.26
N LEU A 77 3.81 0.42 17.05
CA LEU A 77 2.68 -0.48 16.82
C LEU A 77 3.15 -1.80 16.23
N GLY A 78 4.46 -1.99 16.09
CA GLY A 78 4.97 -3.27 15.59
C GLY A 78 5.20 -3.30 14.06
N PHE A 79 4.87 -2.19 13.36
CA PHE A 79 4.93 -2.28 11.89
C PHE A 79 6.35 -2.42 11.39
N ASP A 80 6.52 -3.24 10.36
CA ASP A 80 7.82 -3.42 9.73
C ASP A 80 7.81 -3.09 8.22
N VAL A 81 6.74 -2.41 7.77
CA VAL A 81 6.72 -1.93 6.39
C VAL A 81 5.87 -0.67 6.38
N VAL A 82 6.17 0.15 5.39
CA VAL A 82 5.34 1.30 5.05
C VAL A 82 5.11 1.28 3.53
N ARG A 83 3.87 1.52 3.13
CA ARG A 83 3.56 1.79 1.72
C ARG A 83 3.56 3.32 1.59
N LEU A 84 4.65 3.81 0.99
CA LEU A 84 4.89 5.25 0.89
C LEU A 84 4.24 5.76 -0.39
N ASN A 85 3.18 6.53 -0.22
CA ASN A 85 2.38 6.95 -1.39
C ASN A 85 3.04 8.19 -1.99
N ILE A 86 3.65 8.01 -3.14
CA ILE A 86 4.39 9.09 -3.81
C ILE A 86 3.69 9.46 -5.11
N ALA A 87 4.04 10.61 -5.70
CA ALA A 87 3.28 11.16 -6.82
C ALA A 87 4.14 11.38 -8.04
N TRP A 88 3.67 10.86 -9.15
CA TRP A 88 4.28 11.17 -10.44
C TRP A 88 4.33 12.68 -10.65
N SER A 89 3.30 13.42 -10.24
CA SER A 89 3.28 14.86 -10.47
C SER A 89 4.44 15.54 -9.76
N ALA A 90 4.91 15.03 -8.65
CA ALA A 90 6.05 15.66 -7.93
C ALA A 90 7.35 15.15 -8.50
N LEU A 91 7.44 13.94 -9.02
CA LEU A 91 8.68 13.46 -9.60
C LEU A 91 8.91 14.16 -10.92
N GLU A 92 7.90 14.37 -11.75
CA GLU A 92 8.03 14.85 -13.13
C GLU A 92 7.13 16.02 -13.32
N PRO A 93 7.45 17.22 -12.74
CA PRO A 93 6.49 18.32 -12.71
C PRO A 93 6.34 19.02 -14.05
N THR A 94 7.31 18.88 -14.90
CA THR A 94 7.22 19.36 -16.26
C THR A 94 7.69 18.21 -17.12
N PRO A 95 7.33 18.11 -18.40
CA PRO A 95 7.63 16.92 -19.19
C PRO A 95 9.14 16.65 -19.28
N GLY A 96 9.60 15.48 -18.88
CA GLY A 96 10.99 15.10 -18.92
C GLY A 96 11.76 15.46 -17.67
N ALA A 97 11.21 16.24 -16.74
CA ALA A 97 11.93 16.60 -15.52
C ALA A 97 12.05 15.43 -14.56
N PHE A 98 13.01 15.47 -13.67
CA PHE A 98 13.09 14.48 -12.61
C PHE A 98 13.55 15.24 -11.37
N ASP A 99 12.64 15.48 -10.41
CA ASP A 99 12.94 16.37 -9.30
C ASP A 99 13.70 15.67 -8.19
N ALA A 100 15.01 15.80 -8.19
CA ALA A 100 15.85 15.15 -7.19
C ALA A 100 15.60 15.69 -5.80
N ALA A 101 15.07 16.90 -5.64
CA ALA A 101 14.76 17.35 -4.31
C ALA A 101 13.56 16.57 -3.74
N TYR A 102 12.61 16.21 -4.60
CA TYR A 102 11.52 15.32 -4.12
C TYR A 102 12.06 13.94 -3.86
N VAL A 103 12.97 13.42 -4.67
CA VAL A 103 13.62 12.15 -4.40
C VAL A 103 14.34 12.20 -3.07
N ALA A 104 14.97 13.34 -2.69
CA ALA A 104 15.66 13.38 -1.39
C ALA A 104 14.64 13.32 -0.28
N ARG A 105 13.41 13.84 -0.42
CA ARG A 105 12.43 13.63 0.63
C ARG A 105 12.03 12.17 0.70
N ILE A 106 11.89 11.48 -0.42
CA ILE A 106 11.62 10.02 -0.41
C ILE A 106 12.77 9.32 0.31
N ARG A 107 14.02 9.65 -0.01
CA ARG A 107 15.15 8.97 0.58
C ARG A 107 15.21 9.24 2.07
N GLU A 108 14.87 10.41 2.53
CA GLU A 108 14.80 10.65 3.97
C GLU A 108 13.74 9.80 4.63
N ALA A 109 12.56 9.65 4.00
CA ALA A 109 11.55 8.75 4.55
C ALA A 109 12.02 7.31 4.55
N VAL A 110 12.69 6.84 3.53
CA VAL A 110 13.20 5.49 3.51
C VAL A 110 14.18 5.29 4.65
N GLN A 111 15.07 6.28 4.87
CA GLN A 111 16.10 6.13 5.91
C GLN A 111 15.45 6.25 7.29
N ASP A 112 14.51 7.11 7.51
CA ASP A 112 13.84 7.17 8.80
C ASP A 112 13.07 5.89 9.07
N ALA A 113 12.42 5.31 8.07
CA ALA A 113 11.78 4.00 8.25
C ALA A 113 12.85 2.96 8.57
N LYS A 114 13.93 2.87 7.83
CA LYS A 114 14.94 1.84 8.05
C LYS A 114 15.54 1.96 9.44
N ASP A 115 15.71 3.17 9.94
CA ASP A 115 16.32 3.38 11.27
C ASP A 115 15.36 2.79 12.30
N ASN A 116 14.07 2.59 12.00
CA ASN A 116 13.07 2.10 12.93
C ASN A 116 12.67 0.67 12.58
N GLY A 117 13.45 0.00 11.76
CA GLY A 117 13.16 -1.38 11.43
C GLY A 117 12.03 -1.58 10.41
N ILE A 118 11.81 -0.58 9.56
CA ILE A 118 10.64 -0.59 8.65
C ILE A 118 11.18 -0.55 7.25
N TYR A 119 10.77 -1.50 6.43
CA TYR A 119 11.00 -1.51 4.99
C TYR A 119 10.01 -0.59 4.28
N THR A 120 10.38 -0.11 3.09
CA THR A 120 9.53 0.77 2.32
C THR A 120 9.12 0.17 0.99
N VAL A 121 7.81 0.18 0.71
CA VAL A 121 7.29 -0.03 -0.62
C VAL A 121 7.07 1.34 -1.23
N LEU A 122 7.69 1.60 -2.39
CA LEU A 122 7.46 2.84 -3.11
C LEU A 122 6.22 2.66 -3.99
N ASP A 123 5.17 3.41 -3.69
CA ASP A 123 3.90 3.27 -4.40
C ASP A 123 3.64 4.52 -5.25
N MET A 124 3.59 4.30 -6.56
CA MET A 124 3.26 5.40 -7.47
C MET A 124 1.75 5.58 -7.37
N HIS A 125 1.33 6.48 -6.50
CA HIS A 125 -0.05 6.52 -6.07
C HIS A 125 -0.85 7.47 -6.93
N GLN A 126 -2.14 7.21 -7.06
CA GLN A 126 -3.08 8.11 -7.74
C GLN A 126 -4.47 7.75 -7.22
N ASP A 127 -5.36 8.72 -7.24
CA ASP A 127 -6.78 8.42 -7.18
C ASP A 127 -7.43 9.24 -8.27
N ALA A 128 -8.35 8.64 -9.04
CA ALA A 128 -9.06 9.41 -10.06
C ALA A 128 -8.09 10.18 -10.94
N TRP A 129 -7.00 9.48 -11.30
CA TRP A 129 -5.98 10.00 -12.25
C TRP A 129 -5.03 11.06 -11.65
N GLY A 130 -5.53 12.17 -11.14
CA GLY A 130 -4.60 13.17 -10.65
C GLY A 130 -5.25 14.37 -10.04
N PRO A 131 -4.43 15.37 -9.66
CA PRO A 131 -4.99 16.59 -9.06
C PRO A 131 -5.79 17.47 -10.01
N TYR A 132 -5.70 17.24 -11.32
CA TYR A 132 -6.20 18.24 -12.25
C TYR A 132 -7.49 17.77 -12.92
N VAL A 133 -8.25 16.92 -12.29
CA VAL A 133 -9.50 16.40 -12.83
C VAL A 133 -10.73 16.97 -12.17
N GLY A 134 -10.61 17.96 -11.29
CA GLY A 134 -11.80 18.47 -10.63
C GLY A 134 -12.61 19.45 -11.51
N THR A 135 -13.88 19.61 -11.12
CA THR A 135 -14.75 20.53 -11.85
C THR A 135 -14.40 21.97 -11.45
N PRO A 136 -14.07 22.84 -12.42
CA PRO A 136 -13.72 24.22 -12.01
C PRO A 136 -14.91 24.95 -11.41
N GLU A 137 -14.64 25.88 -10.48
CA GLU A 137 -15.70 26.63 -9.82
C GLU A 137 -16.75 27.23 -10.75
N GLY A 138 -16.39 27.79 -11.89
CA GLY A 138 -17.59 28.36 -12.53
C GLY A 138 -18.32 27.45 -13.53
N GLN A 139 -18.03 26.14 -13.49
CA GLN A 139 -18.47 25.19 -14.51
C GLN A 139 -19.53 24.32 -13.87
N ASP A 140 -20.70 24.18 -14.48
CA ASP A 140 -21.78 23.29 -14.07
C ASP A 140 -21.58 21.87 -14.64
N CYS A 141 -22.35 20.99 -14.02
CA CYS A 141 -22.39 19.59 -14.42
C CYS A 141 -23.54 19.30 -15.35
N PRO A 142 -23.37 18.31 -16.22
CA PRO A 142 -24.50 17.77 -16.93
C PRO A 142 -25.50 17.32 -15.89
N PRO A 143 -26.77 17.34 -16.33
CA PRO A 143 -27.82 16.66 -15.62
C PRO A 143 -27.32 15.27 -15.25
N LEU A 144 -27.71 15.01 -14.04
CA LEU A 144 -27.68 13.71 -13.39
C LEU A 144 -26.31 13.43 -12.78
N LEU A 145 -25.31 14.27 -13.01
CA LEU A 145 -23.96 14.03 -12.48
C LEU A 145 -23.67 14.97 -11.33
N GLN A 146 -22.68 14.57 -10.51
CA GLN A 146 -22.22 15.34 -9.36
C GLN A 146 -20.88 16.01 -9.69
N ARG A 147 -20.52 17.07 -8.98
CA ARG A 147 -19.26 17.76 -9.20
C ARG A 147 -18.08 16.88 -8.81
N GLY A 148 -17.05 16.88 -9.64
CA GLY A 148 -15.79 16.21 -9.32
C GLY A 148 -14.86 17.17 -8.59
N ILE A 149 -13.89 16.58 -7.85
CA ILE A 149 -12.83 17.38 -7.26
C ILE A 149 -11.50 16.78 -7.72
N GLY A 150 -10.42 17.50 -7.48
CA GLY A 150 -9.09 17.01 -7.79
C GLY A 150 -8.55 16.06 -6.73
N TRP A 151 -7.66 15.15 -7.18
CA TRP A 151 -7.13 14.14 -6.28
C TRP A 151 -5.60 14.16 -6.32
N ASP A 152 -4.97 13.14 -6.85
CA ASP A 152 -3.51 12.97 -6.76
C ASP A 152 -3.10 11.98 -7.80
N GLY A 153 -1.86 12.10 -8.31
CA GLY A 153 -1.35 11.18 -9.31
C GLY A 153 -0.58 11.92 -10.36
N ALA A 154 -1.15 12.01 -11.55
CA ALA A 154 -0.42 12.52 -12.69
C ALA A 154 -0.37 14.05 -12.74
N PRO A 155 0.73 14.58 -13.30
CA PRO A 155 0.82 16.04 -13.47
C PRO A 155 -0.14 16.57 -14.54
N GLU A 156 -0.33 17.89 -14.50
CA GLU A 156 -1.29 18.50 -15.41
C GLU A 156 -0.92 18.25 -16.87
N TRP A 157 0.37 18.38 -17.19
CA TRP A 157 0.81 18.25 -18.57
C TRP A 157 0.51 16.88 -19.14
N ALA A 158 0.37 15.84 -18.27
CA ALA A 158 0.11 14.47 -18.68
C ALA A 158 -1.38 14.16 -18.70
N THR A 159 -2.26 15.10 -18.42
CA THR A 159 -3.68 14.87 -18.21
C THR A 159 -4.46 15.30 -19.46
N LEU A 160 -4.96 14.32 -20.20
CA LEU A 160 -5.52 14.48 -21.54
C LEU A 160 -6.99 14.00 -21.50
N THR A 161 -7.88 14.89 -21.17
CA THR A 161 -9.27 14.53 -20.88
C THR A 161 -10.18 14.67 -22.10
N GLY A 162 -9.67 15.15 -23.21
CA GLY A 162 -10.52 15.34 -24.41
C GLY A 162 -11.61 16.41 -24.20
N GLY A 163 -11.55 17.20 -23.16
CA GLY A 163 -12.62 18.13 -22.83
C GLY A 163 -13.79 17.45 -22.16
N TRP A 164 -13.75 16.14 -21.88
CA TRP A 164 -14.93 15.46 -21.34
C TRP A 164 -15.25 15.95 -19.93
N THR A 165 -16.51 15.86 -19.53
CA THR A 165 -16.89 16.42 -18.25
C THR A 165 -16.15 15.75 -17.08
N THR A 166 -15.77 16.62 -16.16
CA THR A 166 -15.14 16.21 -14.89
C THR A 166 -16.17 15.81 -13.85
N CYS A 167 -17.45 15.92 -14.13
CA CYS A 167 -18.48 15.47 -13.19
C CYS A 167 -18.65 13.99 -13.23
N ASN A 168 -19.22 13.42 -12.19
CA ASN A 168 -19.25 11.97 -12.05
C ASN A 168 -20.64 11.42 -11.68
N ILE A 169 -20.74 10.09 -11.82
CA ILE A 169 -21.99 9.42 -11.43
C ILE A 169 -21.95 9.14 -9.92
N GLY A 170 -22.86 9.75 -9.18
CA GLY A 170 -23.07 9.35 -7.77
C GLY A 170 -22.01 9.87 -6.82
N GLY A 171 -21.11 10.79 -7.22
CA GLY A 171 -20.01 11.27 -6.38
C GLY A 171 -18.84 10.29 -6.39
N GLN A 172 -18.89 9.19 -7.12
CA GLN A 172 -17.76 8.27 -7.13
C GLN A 172 -16.64 8.84 -7.99
N ARG A 173 -15.46 9.04 -7.39
CA ARG A 173 -14.40 9.80 -8.06
C ARG A 173 -13.97 9.21 -9.40
N GLU A 174 -13.99 7.89 -9.51
CA GLU A 174 -13.57 7.23 -10.74
C GLU A 174 -14.64 7.28 -11.84
N ALA A 175 -15.87 7.61 -11.47
CA ALA A 175 -16.96 7.52 -12.45
C ALA A 175 -17.18 8.84 -13.18
N SER A 176 -16.10 9.46 -13.64
CA SER A 176 -16.13 10.70 -14.36
C SER A 176 -15.61 10.43 -15.75
N PRO A 177 -16.29 10.91 -16.82
CA PRO A 177 -15.77 10.78 -18.19
C PRO A 177 -14.34 11.32 -18.30
N ALA A 178 -14.03 12.46 -17.65
CA ALA A 178 -12.68 13.01 -17.81
C ALA A 178 -11.61 12.07 -17.27
N VAL A 179 -11.90 11.46 -16.10
CA VAL A 179 -10.89 10.57 -15.50
C VAL A 179 -10.73 9.36 -16.37
N ALA A 180 -11.82 8.78 -16.85
CA ALA A 180 -11.72 7.61 -17.71
C ALA A 180 -10.96 7.93 -19.00
N ARG A 181 -11.22 9.08 -19.59
CA ARG A 181 -10.58 9.44 -20.83
C ARG A 181 -9.07 9.67 -20.59
N ALA A 182 -8.72 10.33 -19.48
CA ALA A 182 -7.30 10.58 -19.18
C ALA A 182 -6.58 9.27 -18.97
N PHE A 183 -7.19 8.29 -18.28
CA PHE A 183 -6.57 6.99 -18.16
C PHE A 183 -6.42 6.32 -19.51
N GLN A 184 -7.45 6.40 -20.39
CA GLN A 184 -7.34 5.73 -21.66
C GLN A 184 -6.22 6.36 -22.50
N ALA A 185 -6.09 7.72 -22.42
CA ALA A 185 -4.97 8.38 -23.14
C ALA A 185 -3.65 7.84 -22.65
N PHE A 186 -3.52 7.60 -21.33
CA PHE A 186 -2.31 6.99 -20.78
C PHE A 186 -2.12 5.60 -21.31
N TYR A 187 -3.14 4.71 -21.30
CA TYR A 187 -2.90 3.35 -21.77
C TYR A 187 -2.55 3.34 -23.26
N ASP A 188 -3.12 4.28 -24.02
CA ASP A 188 -2.81 4.37 -25.45
C ASP A 188 -1.51 5.13 -25.72
N ASP A 189 -0.84 5.62 -24.69
CA ASP A 189 0.44 6.34 -24.79
C ASP A 189 0.25 7.58 -25.67
N GLU A 190 -0.87 8.28 -25.56
CA GLU A 190 -1.06 9.54 -26.30
C GLU A 190 -0.02 10.52 -25.80
N GLN A 191 0.61 11.23 -26.76
CA GLN A 191 1.63 12.23 -26.49
C GLN A 191 2.80 11.59 -25.74
N GLY A 192 2.93 10.26 -25.78
CA GLY A 192 4.01 9.60 -25.04
C GLY A 192 3.86 9.68 -23.53
N VAL A 193 2.69 9.90 -22.97
CA VAL A 193 2.61 10.10 -21.52
C VAL A 193 2.93 8.81 -20.77
N GLN A 194 2.61 7.63 -21.31
CA GLN A 194 2.99 6.43 -20.61
C GLN A 194 4.50 6.22 -20.67
N GLY A 195 5.15 6.52 -21.79
CA GLY A 195 6.62 6.41 -21.86
C GLY A 195 7.26 7.36 -20.84
N HIS A 196 6.65 8.50 -20.56
CA HIS A 196 7.15 9.37 -19.51
C HIS A 196 7.09 8.71 -18.13
N LEU A 197 5.96 8.09 -17.77
CA LEU A 197 5.91 7.43 -16.48
C LEU A 197 6.89 6.26 -16.41
N VAL A 198 7.01 5.48 -17.49
CA VAL A 198 7.99 4.40 -17.49
C VAL A 198 9.40 4.93 -17.24
N GLN A 199 9.79 6.01 -17.92
CA GLN A 199 11.12 6.58 -17.70
C GLN A 199 11.23 7.12 -16.30
N THR A 200 10.21 7.76 -15.75
CA THR A 200 10.24 8.26 -14.38
C THR A 200 10.45 7.09 -13.39
N TRP A 201 9.76 5.97 -13.60
CA TRP A 201 9.97 4.81 -12.74
C TRP A 201 11.40 4.31 -12.83
N ALA A 202 11.97 4.25 -14.04
CA ALA A 202 13.36 3.79 -14.20
C ALA A 202 14.31 4.72 -13.43
N ARG A 203 14.07 6.02 -13.56
CA ARG A 203 14.95 7.00 -12.88
C ARG A 203 14.82 6.82 -11.38
N LEU A 204 13.61 6.58 -10.85
CA LEU A 204 13.45 6.40 -9.40
C LEU A 204 14.06 5.09 -8.95
N ALA A 205 13.90 4.01 -9.71
CA ALA A 205 14.52 2.77 -9.27
C ALA A 205 16.03 2.93 -9.20
N ALA A 206 16.62 3.62 -10.14
CA ALA A 206 18.07 3.84 -10.10
C ALA A 206 18.48 4.50 -8.77
N GLU A 207 17.68 5.36 -8.20
CA GLU A 207 17.99 6.06 -6.97
C GLU A 207 18.00 5.16 -5.76
N PHE A 208 17.48 3.92 -5.87
CA PHE A 208 17.39 3.03 -4.74
C PHE A 208 17.92 1.65 -5.08
N ARG A 209 18.67 1.52 -6.17
CA ARG A 209 19.02 0.21 -6.68
C ARG A 209 19.92 -0.62 -5.73
N ASN A 210 20.61 0.08 -4.81
CA ASN A 210 21.44 -0.68 -3.88
C ASN A 210 20.89 -0.62 -2.47
N GLU A 211 19.64 -0.20 -2.28
CA GLU A 211 19.09 0.01 -0.92
C GLU A 211 18.22 -1.19 -0.51
N PRO A 212 18.65 -2.03 0.42
CA PRO A 212 17.85 -3.20 0.81
C PRO A 212 16.58 -2.77 1.55
N ALA A 213 16.50 -1.59 2.15
CA ALA A 213 15.30 -1.23 2.86
C ALA A 213 14.15 -1.01 1.93
N VAL A 214 14.37 -0.79 0.63
CA VAL A 214 13.28 -0.64 -0.31
C VAL A 214 12.87 -2.06 -0.71
N VAL A 215 11.64 -2.42 -0.36
CA VAL A 215 11.10 -3.71 -0.77
C VAL A 215 11.07 -3.82 -2.29
N GLY A 216 10.56 -2.72 -2.88
CA GLY A 216 10.31 -2.67 -4.29
C GLY A 216 9.21 -1.65 -4.58
N TYR A 217 8.59 -1.92 -5.74
CA TYR A 217 7.94 -0.83 -6.46
C TYR A 217 6.50 -1.26 -6.75
N ASP A 218 5.52 -0.53 -6.23
CA ASP A 218 4.10 -0.75 -6.54
C ASP A 218 3.83 0.16 -7.74
N LEU A 219 3.76 -0.48 -8.93
CA LEU A 219 3.92 0.24 -10.18
C LEU A 219 2.90 1.32 -10.44
N LEU A 220 1.64 1.05 -10.08
CA LEU A 220 0.63 2.11 -10.14
C LEU A 220 -0.51 1.74 -9.22
N ASN A 221 -0.89 2.63 -8.34
CA ASN A 221 -2.00 2.32 -7.42
C ASN A 221 -3.29 2.24 -8.22
N GLU A 222 -4.13 1.26 -7.90
CA GLU A 222 -5.53 1.08 -8.40
C GLU A 222 -5.69 1.59 -9.82
N PRO A 223 -4.99 1.00 -10.80
CA PRO A 223 -5.14 1.51 -12.17
C PRO A 223 -6.61 1.47 -12.60
N ASN A 224 -7.13 2.58 -13.10
CA ASN A 224 -8.53 2.55 -13.47
C ASN A 224 -8.71 1.84 -14.84
N PRO A 225 -9.90 1.35 -15.18
CA PRO A 225 -10.09 0.70 -16.47
C PRO A 225 -9.89 1.59 -17.69
N GLY A 226 -9.96 2.93 -17.50
CA GLY A 226 -9.99 3.80 -18.67
C GLY A 226 -11.33 3.64 -19.39
N LEU A 227 -11.22 3.50 -20.70
CA LEU A 227 -12.41 3.30 -21.53
C LEU A 227 -12.57 1.86 -21.96
N ARG A 228 -12.05 0.94 -21.15
CA ARG A 228 -12.14 -0.49 -21.46
C ARG A 228 -12.93 -1.23 -20.41
N ASP A 229 -13.48 -2.38 -20.84
CA ASP A 229 -14.12 -3.30 -19.90
C ASP A 229 -13.08 -4.01 -19.05
N PRO A 230 -13.43 -4.87 -18.11
CA PRO A 230 -12.42 -5.52 -17.25
C PRO A 230 -11.41 -6.32 -18.01
N PHE A 231 -11.77 -7.06 -19.07
CA PHE A 231 -10.75 -7.86 -19.75
C PHE A 231 -9.75 -7.02 -20.54
N ALA A 232 -10.24 -6.08 -21.33
CA ALA A 232 -9.32 -5.28 -22.09
C ALA A 232 -8.60 -4.26 -21.17
N ALA A 233 -9.19 -3.91 -20.05
CA ALA A 233 -8.49 -3.11 -19.05
C ALA A 233 -7.32 -3.91 -18.45
N ALA A 234 -7.58 -5.14 -18.03
CA ALA A 234 -6.52 -5.91 -17.44
C ALA A 234 -5.38 -6.06 -18.42
N ASP A 235 -5.67 -6.23 -19.73
CA ASP A 235 -4.60 -6.38 -20.70
C ASP A 235 -3.79 -5.07 -20.80
N GLN A 236 -4.41 -3.91 -20.92
CA GLN A 236 -3.65 -2.68 -21.08
C GLN A 236 -2.90 -2.31 -19.79
N ILE A 237 -3.43 -2.67 -18.64
CA ILE A 237 -2.72 -2.50 -17.38
C ILE A 237 -1.47 -3.40 -17.39
N GLY A 238 -1.61 -4.65 -17.79
CA GLY A 238 -0.44 -5.55 -17.84
C GLY A 238 0.58 -5.06 -18.84
N ARG A 239 0.17 -4.52 -19.98
CA ARG A 239 1.13 -4.03 -20.98
C ARG A 239 1.96 -2.90 -20.40
N PHE A 240 1.37 -2.02 -19.61
CA PHE A 240 2.10 -0.99 -18.93
C PHE A 240 3.05 -1.63 -17.90
N TYR A 241 2.61 -2.58 -17.11
CA TYR A 241 3.51 -3.17 -16.14
C TYR A 241 4.72 -3.79 -16.84
N GLN A 242 4.53 -4.47 -17.96
CA GLN A 242 5.66 -5.09 -18.65
C GLN A 242 6.64 -4.01 -19.07
N ARG A 243 6.18 -2.90 -19.62
CA ARG A 243 7.10 -1.83 -20.01
C ARG A 243 7.82 -1.25 -18.79
N ALA A 244 7.12 -1.03 -17.69
CA ALA A 244 7.76 -0.45 -16.52
C ALA A 244 8.78 -1.42 -15.94
N ILE A 245 8.47 -2.71 -15.88
CA ILE A 245 9.41 -3.68 -15.30
C ILE A 245 10.67 -3.70 -16.17
N ALA A 246 10.57 -3.70 -17.50
CA ALA A 246 11.81 -3.78 -18.30
C ALA A 246 12.64 -2.53 -18.03
N ALA A 247 12.06 -1.36 -17.92
CA ALA A 247 12.81 -0.13 -17.72
C ALA A 247 13.44 -0.14 -16.35
N ILE A 248 12.72 -0.60 -15.32
CA ILE A 248 13.25 -0.66 -13.95
C ILE A 248 14.40 -1.66 -13.92
N ARG A 249 14.26 -2.83 -14.54
CA ARG A 249 15.34 -3.83 -14.40
C ARG A 249 16.59 -3.29 -15.07
N GLN A 250 16.49 -2.55 -16.17
CA GLN A 250 17.69 -1.95 -16.74
C GLN A 250 18.27 -0.90 -15.82
N ALA A 251 17.45 -0.09 -15.20
CA ALA A 251 17.91 0.99 -14.37
C ALA A 251 18.54 0.46 -13.10
N GLU A 252 18.28 -0.78 -12.68
CA GLU A 252 18.86 -1.37 -11.49
C GLU A 252 20.24 -1.94 -11.75
N THR A 253 20.74 -1.82 -12.99
CA THR A 253 22.13 -2.26 -13.29
C THR A 253 23.09 -1.57 -12.30
N GLY A 254 23.97 -2.40 -11.74
CA GLY A 254 24.95 -1.95 -10.74
C GLY A 254 24.41 -2.05 -9.33
N GLY A 255 23.10 -2.37 -9.16
CA GLY A 255 22.51 -2.70 -7.86
C GLY A 255 21.97 -4.11 -7.94
N PHE A 256 20.73 -4.30 -7.45
CA PHE A 256 20.13 -5.60 -7.44
C PHE A 256 18.64 -5.45 -7.76
N PRO A 257 17.98 -6.54 -8.20
CA PRO A 257 16.56 -6.43 -8.54
C PRO A 257 15.70 -6.45 -7.28
N HIS A 258 14.86 -5.45 -7.17
CA HIS A 258 13.87 -5.37 -6.11
C HIS A 258 12.54 -6.00 -6.51
N LEU A 259 11.63 -6.15 -5.54
CA LEU A 259 10.31 -6.74 -5.88
C LEU A 259 9.46 -5.79 -6.69
N VAL A 260 8.62 -6.40 -7.52
CA VAL A 260 7.67 -5.63 -8.33
C VAL A 260 6.29 -5.95 -7.80
N ILE A 261 5.63 -4.96 -7.23
CA ILE A 261 4.31 -5.16 -6.64
C ILE A 261 3.33 -4.62 -7.69
N PHE A 262 2.41 -5.49 -8.13
CA PHE A 262 1.51 -5.11 -9.22
C PHE A 262 0.08 -5.41 -8.78
N GLU A 263 -0.84 -4.60 -9.35
CA GLU A 263 -2.22 -4.60 -8.87
C GLU A 263 -3.17 -5.03 -9.97
N PRO A 264 -4.35 -5.58 -9.65
CA PRO A 264 -5.44 -5.61 -10.63
C PRO A 264 -5.97 -4.18 -10.75
N SER A 265 -6.94 -3.98 -11.64
CA SER A 265 -7.58 -2.70 -11.77
C SER A 265 -8.26 -2.31 -10.46
N ALA A 266 -8.60 -1.03 -10.36
CA ALA A 266 -9.36 -0.48 -9.24
C ALA A 266 -10.67 -1.23 -9.01
N LEU A 267 -11.22 -1.90 -10.02
CA LEU A 267 -12.45 -2.65 -9.78
C LEU A 267 -12.29 -3.66 -8.67
N TRP A 268 -11.13 -4.25 -8.45
CA TRP A 268 -10.99 -5.22 -7.34
C TRP A 268 -11.34 -4.57 -6.03
N SER A 269 -11.02 -3.28 -5.86
CA SER A 269 -11.32 -2.58 -4.62
C SER A 269 -12.78 -2.33 -4.38
N ALA A 270 -13.64 -2.53 -5.39
CA ALA A 270 -15.10 -2.39 -5.20
C ALA A 270 -15.83 -3.72 -5.27
N PHE A 271 -15.23 -4.78 -5.77
CA PHE A 271 -15.95 -6.03 -5.97
C PHE A 271 -15.28 -7.21 -5.28
N GLY A 272 -13.99 -7.14 -4.90
CA GLY A 272 -13.33 -8.25 -4.25
C GLY A 272 -12.76 -9.25 -5.23
N PHE A 273 -12.87 -8.97 -6.53
CA PHE A 273 -12.31 -9.78 -7.59
C PHE A 273 -12.33 -8.91 -8.86
N ASP A 274 -11.68 -9.42 -9.92
CA ASP A 274 -11.57 -8.68 -11.18
C ASP A 274 -10.92 -9.63 -12.17
N ALA A 275 -10.97 -9.27 -13.43
CA ALA A 275 -10.09 -9.87 -14.45
C ALA A 275 -8.65 -9.60 -14.03
N LEU A 276 -7.75 -10.48 -14.38
CA LEU A 276 -6.35 -10.44 -13.96
C LEU A 276 -5.46 -9.98 -15.13
N PRO A 277 -4.54 -9.03 -14.92
CA PRO A 277 -3.51 -8.75 -15.91
C PRO A 277 -2.84 -10.03 -16.40
N PRO A 278 -2.78 -10.31 -17.71
CA PRO A 278 -2.27 -11.60 -18.17
C PRO A 278 -0.86 -11.87 -17.66
N ARG A 279 -0.66 -13.13 -17.30
CA ARG A 279 0.59 -13.60 -16.71
C ARG A 279 1.79 -13.32 -17.55
N HIS A 280 1.70 -13.38 -18.88
CA HIS A 280 2.90 -13.20 -19.68
C HIS A 280 3.48 -11.80 -19.49
N TYR A 281 2.68 -10.80 -19.12
CA TYR A 281 3.20 -9.46 -18.86
C TYR A 281 4.00 -9.36 -17.56
N LEU A 282 3.80 -10.30 -16.64
CA LEU A 282 4.36 -10.31 -15.28
C LEU A 282 5.32 -11.48 -15.13
N ALA A 283 5.99 -11.92 -16.18
CA ALA A 283 6.86 -13.10 -16.12
C ALA A 283 8.24 -12.70 -15.60
N ASP A 284 8.34 -12.19 -14.40
CA ASP A 284 9.59 -11.87 -13.71
C ASP A 284 9.43 -12.55 -12.38
N PRO A 285 10.48 -13.20 -11.83
CA PRO A 285 10.31 -14.02 -10.66
C PRO A 285 10.06 -13.24 -9.36
N LEU A 286 10.26 -11.93 -9.40
CA LEU A 286 10.09 -11.14 -8.18
C LEU A 286 8.79 -10.34 -8.17
N VAL A 287 7.81 -10.75 -8.99
CA VAL A 287 6.53 -10.04 -8.88
C VAL A 287 5.73 -10.52 -7.67
N VAL A 288 4.89 -9.61 -7.17
CA VAL A 288 4.04 -9.81 -5.99
C VAL A 288 2.66 -9.27 -6.35
N PHE A 289 1.63 -10.09 -6.21
CA PHE A 289 0.26 -9.66 -6.53
C PHE A 289 -0.36 -8.93 -5.35
N SER A 290 -0.88 -7.72 -5.60
CA SER A 290 -1.29 -6.82 -4.54
C SER A 290 -2.68 -6.23 -4.79
N PRO A 291 -3.75 -7.04 -4.78
CA PRO A 291 -5.12 -6.52 -4.73
C PRO A 291 -5.37 -5.88 -3.38
N HIS A 292 -6.31 -4.96 -3.35
CA HIS A 292 -6.74 -4.27 -2.15
C HIS A 292 -7.99 -4.94 -1.62
N LEU A 293 -7.86 -5.49 -0.42
CA LEU A 293 -8.91 -6.45 0.10
C LEU A 293 -9.95 -5.72 0.91
N TYR A 294 -10.91 -5.11 0.21
CA TYR A 294 -11.92 -4.25 0.79
C TYR A 294 -13.29 -4.95 0.96
N SER A 295 -13.35 -6.27 0.80
CA SER A 295 -14.59 -7.00 1.03
C SER A 295 -15.11 -6.77 2.44
N GLN A 296 -16.40 -6.49 2.50
CA GLN A 296 -17.15 -6.20 3.75
C GLN A 296 -16.68 -4.92 4.40
N SER A 297 -15.96 -4.05 3.67
CA SER A 297 -15.63 -2.72 4.10
C SER A 297 -16.31 -1.69 3.18
N ILE A 298 -15.88 -1.65 1.90
CA ILE A 298 -16.32 -0.63 0.96
C ILE A 298 -16.68 -1.24 -0.40
N ASN A 299 -16.94 -2.53 -0.48
CA ASN A 299 -17.40 -3.10 -1.74
C ASN A 299 -18.84 -2.70 -2.03
N VAL A 300 -19.28 -2.93 -3.26
CA VAL A 300 -20.67 -2.67 -3.64
C VAL A 300 -21.59 -3.53 -2.77
N SER A 301 -21.32 -4.80 -2.60
CA SER A 301 -22.13 -5.55 -1.65
C SER A 301 -21.48 -5.60 -0.28
N SER A 302 -22.27 -5.41 0.78
CA SER A 302 -21.78 -5.53 2.16
C SER A 302 -21.59 -7.00 2.55
N GLU A 303 -22.08 -7.93 1.82
CA GLU A 303 -22.01 -9.31 2.26
C GLU A 303 -21.12 -10.18 1.38
N PHE A 304 -20.99 -9.91 0.07
CA PHE A 304 -20.36 -10.83 -0.81
C PHE A 304 -19.31 -10.15 -1.67
N PRO A 305 -18.07 -10.63 -1.78
CA PRO A 305 -17.51 -11.73 -0.98
C PRO A 305 -17.42 -11.33 0.48
N SER A 306 -17.40 -12.39 1.33
CA SER A 306 -17.08 -12.13 2.73
C SER A 306 -15.58 -11.78 2.87
N ILE A 307 -15.20 -11.31 4.05
CA ILE A 307 -13.75 -11.01 4.24
C ILE A 307 -12.98 -12.27 3.87
N GLU A 308 -13.38 -13.45 4.41
CA GLU A 308 -12.59 -14.65 4.26
C GLU A 308 -12.60 -15.16 2.82
N ASP A 309 -13.74 -15.04 2.14
CA ASP A 309 -13.76 -15.41 0.72
C ASP A 309 -12.91 -14.43 -0.11
N GLY A 310 -12.90 -13.18 0.27
CA GLY A 310 -12.03 -12.21 -0.44
C GLY A 310 -10.56 -12.64 -0.38
N PHE A 311 -10.13 -13.17 0.78
CA PHE A 311 -8.78 -13.72 0.86
C PHE A 311 -8.61 -14.95 -0.02
N ARG A 312 -9.59 -15.87 -0.01
CA ARG A 312 -9.45 -17.06 -0.83
C ARG A 312 -9.35 -16.73 -2.32
N ILE A 313 -10.11 -15.74 -2.78
CA ILE A 313 -10.03 -15.34 -4.18
C ILE A 313 -8.66 -14.76 -4.49
N ALA A 314 -8.17 -13.89 -3.59
CA ALA A 314 -6.86 -13.27 -3.81
C ALA A 314 -5.74 -14.29 -3.77
N VAL A 315 -5.82 -15.26 -2.85
CA VAL A 315 -4.81 -16.29 -2.73
C VAL A 315 -4.80 -17.17 -3.99
N ALA A 316 -6.00 -17.49 -4.52
CA ALA A 316 -6.04 -18.28 -5.76
C ALA A 316 -5.46 -17.52 -6.93
N ALA A 317 -5.73 -16.21 -7.00
CA ALA A 317 -5.18 -15.38 -8.09
C ALA A 317 -3.65 -15.33 -7.98
N ALA A 318 -3.12 -15.10 -6.74
CA ALA A 318 -1.67 -15.04 -6.58
C ALA A 318 -1.05 -16.37 -6.96
N ASP A 319 -1.70 -17.46 -6.64
CA ASP A 319 -1.18 -18.78 -7.02
C ASP A 319 -1.16 -18.99 -8.51
N TRP A 320 -2.11 -18.42 -9.24
CA TRP A 320 -2.08 -18.47 -10.68
C TRP A 320 -0.84 -17.81 -11.25
N TYR A 321 -0.40 -16.70 -10.65
CA TYR A 321 0.81 -16.04 -11.03
C TYR A 321 2.06 -16.71 -10.48
N GLY A 322 1.88 -17.67 -9.57
CA GLY A 322 3.03 -18.27 -8.86
C GLY A 322 3.72 -17.27 -7.96
N ALA A 323 3.00 -16.25 -7.51
CA ALA A 323 3.62 -15.10 -6.83
C ALA A 323 3.12 -15.00 -5.40
N PRO A 324 3.86 -14.31 -4.51
CA PRO A 324 3.27 -14.00 -3.22
C PRO A 324 2.11 -13.03 -3.33
N LEU A 325 1.26 -13.08 -2.34
CA LEU A 325 0.18 -12.13 -2.11
C LEU A 325 0.60 -11.16 -1.03
N TRP A 326 0.49 -9.87 -1.28
CA TRP A 326 0.77 -8.84 -0.24
C TRP A 326 -0.24 -7.73 -0.50
N THR A 327 -1.17 -7.47 0.40
CA THR A 327 -2.27 -6.54 0.05
C THR A 327 -1.88 -5.12 0.41
N GLY A 328 -1.81 -4.24 -0.58
CA GLY A 328 -1.29 -2.90 -0.36
C GLY A 328 -2.26 -1.97 0.33
N GLU A 329 -3.55 -2.30 0.38
CA GLU A 329 -4.50 -1.50 1.12
C GLU A 329 -5.61 -2.38 1.57
N TRP A 330 -6.03 -2.09 2.83
CA TRP A 330 -7.22 -2.66 3.46
C TRP A 330 -7.55 -1.74 4.60
N GLY A 331 -8.79 -1.77 5.06
CA GLY A 331 -9.11 -0.93 6.22
C GLY A 331 -10.61 -0.80 6.37
N TRP A 332 -10.99 -0.39 7.58
CA TRP A 332 -12.38 -0.04 7.92
C TRP A 332 -12.41 1.41 8.34
N PHE A 333 -13.54 2.07 8.04
CA PHE A 333 -13.59 3.54 8.06
C PHE A 333 -14.70 4.10 8.96
N GLY A 334 -15.47 3.21 9.56
CA GLY A 334 -16.58 3.65 10.42
C GLY A 334 -16.20 3.54 11.90
N ASP A 335 -17.25 3.28 12.68
CA ASP A 335 -17.11 3.27 14.13
C ASP A 335 -16.39 2.00 14.59
N PRO A 336 -15.24 2.07 15.28
CA PRO A 336 -14.57 0.87 15.76
C PRO A 336 -15.40 0.01 16.70
N ASP A 337 -16.32 0.64 17.46
CA ASP A 337 -17.22 -0.15 18.28
C ASP A 337 -18.01 -1.14 17.46
N GLU A 338 -18.36 -0.78 16.22
CA GLU A 338 -19.10 -1.67 15.34
C GLU A 338 -18.20 -2.50 14.44
N GLN A 339 -16.98 -2.00 14.10
CA GLN A 339 -16.23 -2.65 13.01
C GLN A 339 -14.96 -3.31 13.49
N ALA A 340 -14.53 -3.18 14.77
CA ALA A 340 -13.29 -3.80 15.19
C ALA A 340 -13.32 -5.30 14.99
N GLY A 341 -14.48 -5.92 15.04
CA GLY A 341 -14.56 -7.36 14.82
C GLY A 341 -14.20 -7.78 13.40
N GLN A 342 -14.55 -6.89 12.44
CA GLN A 342 -14.16 -7.15 11.06
C GLN A 342 -12.64 -6.98 10.91
N VAL A 343 -12.07 -5.99 11.55
CA VAL A 343 -10.61 -5.83 11.55
C VAL A 343 -9.94 -7.05 12.14
N ARG A 344 -10.50 -7.58 13.26
CA ARG A 344 -9.97 -8.79 13.85
C ARG A 344 -10.02 -9.96 12.90
N ARG A 345 -11.15 -10.14 12.22
CA ARG A 345 -11.26 -11.20 11.24
C ARG A 345 -10.21 -11.06 10.13
N PHE A 346 -9.97 -9.78 9.71
CA PHE A 346 -8.97 -9.56 8.67
C PHE A 346 -7.56 -10.01 9.09
N VAL A 347 -7.17 -9.53 10.30
CA VAL A 347 -5.85 -9.95 10.78
C VAL A 347 -5.75 -11.48 10.94
N ASP A 348 -6.85 -12.08 11.44
CA ASP A 348 -6.85 -13.53 11.53
C ASP A 348 -6.60 -14.18 10.20
N ALA A 349 -7.23 -13.62 9.13
CA ALA A 349 -7.05 -14.23 7.81
C ALA A 349 -5.63 -13.96 7.25
N MET A 350 -5.04 -12.77 7.58
CA MET A 350 -3.64 -12.57 7.21
C MET A 350 -2.74 -13.65 7.81
N ASN A 351 -3.08 -14.02 9.06
CA ASN A 351 -2.27 -15.08 9.69
C ASN A 351 -2.55 -16.45 9.09
N THR A 352 -3.83 -16.78 8.82
CA THR A 352 -4.11 -18.08 8.23
C THR A 352 -3.39 -18.27 6.89
N HIS A 353 -3.33 -17.18 6.07
CA HIS A 353 -2.72 -17.25 4.76
C HIS A 353 -1.24 -16.82 4.74
N ARG A 354 -0.74 -16.40 5.90
CA ARG A 354 0.67 -15.98 6.05
C ARG A 354 1.06 -14.89 5.04
N ILE A 355 0.25 -13.83 5.06
CA ILE A 355 0.57 -12.68 4.20
C ILE A 355 0.76 -11.44 5.05
N GLY A 356 1.40 -10.47 4.38
CA GLY A 356 1.46 -9.10 4.88
C GLY A 356 0.49 -8.20 4.11
N GLY A 357 0.56 -6.95 4.52
CA GLY A 357 -0.19 -5.91 3.86
C GLY A 357 -0.10 -4.59 4.59
N ALA A 358 -0.79 -3.57 4.05
CA ALA A 358 -0.69 -2.22 4.59
C ALA A 358 -2.08 -1.65 4.79
N TRP A 359 -2.37 -1.24 6.05
CA TRP A 359 -3.62 -0.58 6.38
C TRP A 359 -3.70 0.78 5.73
N TRP A 360 -4.91 1.13 5.26
CA TRP A 360 -5.21 2.51 4.80
C TRP A 360 -5.92 3.18 5.99
N SER A 361 -5.32 4.12 6.70
CA SER A 361 -3.99 4.69 6.45
C SER A 361 -3.45 5.24 7.76
N TRP A 362 -2.18 5.65 7.73
CA TRP A 362 -1.52 6.23 8.90
C TRP A 362 -2.17 7.52 9.31
N THR A 363 -2.25 8.50 8.40
CA THR A 363 -2.87 9.80 8.72
C THR A 363 -3.67 10.29 7.54
N GLN A 364 -4.75 10.98 7.79
CA GLN A 364 -5.51 11.75 6.80
C GLN A 364 -5.67 13.15 7.36
N ALA A 365 -5.30 14.17 6.60
CA ALA A 365 -5.37 15.56 7.05
C ALA A 365 -6.72 16.16 6.72
N CYS A 366 -6.94 17.35 7.30
CA CYS A 366 -8.24 17.99 7.23
C CYS A 366 -8.62 18.47 5.83
N GLY A 367 -7.63 18.80 5.01
CA GLY A 367 -7.85 19.24 3.65
C GLY A 367 -7.67 18.10 2.64
N ASP A 368 -7.53 16.86 3.08
CA ASP A 368 -7.40 15.75 2.11
C ASP A 368 -8.67 15.76 1.25
N PRO A 369 -8.56 15.40 -0.04
CA PRO A 369 -9.75 15.36 -0.87
C PRO A 369 -10.84 14.43 -0.37
N HIS A 370 -10.46 13.37 0.34
CA HIS A 370 -11.47 12.47 0.89
C HIS A 370 -12.36 13.25 1.84
N ALA A 371 -11.79 14.17 2.65
CA ALA A 371 -12.55 15.00 3.59
C ALA A 371 -13.33 16.07 2.84
N VAL A 372 -12.72 16.66 1.80
CA VAL A 372 -13.38 17.71 1.04
C VAL A 372 -14.62 17.14 0.35
N LYS A 373 -14.52 15.94 -0.18
CA LYS A 373 -15.61 15.33 -0.96
C LYS A 373 -16.85 15.27 -0.08
N ASP A 374 -16.63 14.97 1.20
CA ASP A 374 -17.67 14.58 2.14
C ASP A 374 -18.19 15.79 2.93
N GLY A 375 -17.60 16.97 2.70
CA GLY A 375 -17.92 18.17 3.47
C GLY A 375 -17.51 18.01 4.93
N ASN A 376 -16.39 17.31 5.18
CA ASN A 376 -15.98 16.93 6.53
C ASN A 376 -14.66 17.53 6.94
N THR A 377 -14.32 18.68 6.34
CA THR A 377 -13.06 19.35 6.67
C THR A 377 -13.04 20.03 8.07
N ALA A 378 -14.19 20.08 8.75
CA ALA A 378 -14.15 20.58 10.11
C ALA A 378 -14.37 19.48 11.16
N GLU A 379 -14.33 18.21 10.74
CA GLU A 379 -14.59 17.04 11.58
C GLU A 379 -13.29 16.26 11.75
N PRO A 380 -13.13 15.43 12.82
CA PRO A 380 -11.90 14.67 12.95
C PRO A 380 -11.70 13.65 11.80
N GLN A 381 -10.41 13.49 11.48
CA GLN A 381 -10.12 12.57 10.38
C GLN A 381 -9.15 11.52 10.84
N GLY A 382 -9.28 10.35 10.20
CA GLY A 382 -8.30 9.28 10.40
C GLY A 382 -8.96 8.08 11.06
N ASN A 383 -8.53 6.87 10.63
CA ASN A 383 -8.98 5.63 11.26
C ASN A 383 -7.88 4.95 12.06
N LEU A 384 -6.75 5.64 12.28
CA LEU A 384 -5.66 5.07 13.06
C LEU A 384 -5.14 6.20 13.91
N ASN A 385 -4.43 7.17 13.36
CA ASN A 385 -4.14 8.41 14.09
C ASN A 385 -5.26 9.37 13.85
N ARG A 386 -5.83 9.89 14.94
CA ARG A 386 -6.91 10.83 14.88
C ARG A 386 -6.34 12.24 14.86
N ILE A 387 -6.80 12.99 13.83
CA ILE A 387 -6.38 14.39 13.65
C ILE A 387 -7.64 15.21 13.85
N ASP A 388 -7.49 16.21 14.74
CA ASP A 388 -8.57 17.16 14.95
C ASP A 388 -8.60 18.20 13.81
N CYS A 389 -9.81 18.57 13.40
CA CYS A 389 -9.94 19.59 12.35
C CYS A 389 -10.78 20.80 12.80
N PRO A 390 -10.49 22.03 12.32
CA PRO A 390 -9.47 22.28 11.30
C PRO A 390 -8.07 22.54 11.83
N SER A 391 -7.81 22.30 13.14
CA SER A 391 -6.50 22.58 13.68
C SER A 391 -5.35 21.75 13.12
N GLY A 392 -5.64 20.47 12.79
CA GLY A 392 -4.61 19.56 12.30
C GLY A 392 -3.88 18.83 13.43
N GLU A 393 -4.32 19.02 14.69
CA GLU A 393 -3.53 18.50 15.80
C GLU A 393 -3.79 17.00 16.00
N GLU A 394 -2.70 16.21 16.09
CA GLU A 394 -2.79 14.79 16.33
C GLU A 394 -3.26 14.60 17.77
N GLN A 395 -4.34 13.80 17.98
CA GLN A 395 -4.96 13.55 19.27
C GLN A 395 -5.31 12.07 19.50
N GLY A 396 -4.25 11.31 19.72
CA GLY A 396 -4.36 9.91 20.04
C GLY A 396 -4.69 9.01 18.85
N LEU A 397 -4.88 7.74 19.19
CA LEU A 397 -5.12 6.66 18.26
C LEU A 397 -6.58 6.27 18.34
N VAL A 398 -7.08 5.65 17.26
CA VAL A 398 -8.39 5.04 17.24
C VAL A 398 -8.17 3.64 17.80
N GLU A 399 -8.38 3.50 19.11
CA GLU A 399 -7.79 2.38 19.82
C GLU A 399 -8.39 1.03 19.42
N GLY A 400 -9.68 0.97 19.11
CA GLY A 400 -10.30 -0.27 18.71
C GLY A 400 -9.67 -0.89 17.45
N PHE A 401 -9.20 -0.01 16.53
CA PHE A 401 -8.51 -0.50 15.35
C PHE A 401 -7.04 -0.72 15.68
N ALA A 402 -6.39 0.26 16.35
CA ALA A 402 -4.96 0.17 16.67
C ALA A 402 -4.63 -1.12 17.40
N GLU A 403 -5.51 -1.58 18.31
CA GLU A 403 -5.12 -2.77 19.04
C GLU A 403 -5.09 -3.97 18.14
N GLN A 404 -5.94 -4.05 17.09
CA GLN A 404 -5.82 -5.15 16.15
C GLN A 404 -4.56 -5.04 15.30
N LEU A 405 -4.24 -3.83 14.87
CA LEU A 405 -3.10 -3.65 13.99
C LEU A 405 -1.77 -3.92 14.67
N ALA A 406 -1.74 -3.77 16.02
CA ALA A 406 -0.52 -3.99 16.79
C ALA A 406 -0.33 -5.47 17.20
N ARG A 407 -1.21 -6.35 16.80
CA ARG A 407 -1.12 -7.74 17.26
C ARG A 407 0.22 -8.36 16.97
N ALA A 408 0.64 -9.27 17.86
CA ALA A 408 1.90 -9.97 17.76
C ALA A 408 2.02 -10.70 16.43
N TYR A 409 3.23 -10.77 15.86
CA TYR A 409 3.47 -11.56 14.67
C TYR A 409 4.96 -11.82 14.51
N PRO A 410 5.34 -12.84 13.78
CA PRO A 410 6.75 -13.06 13.42
C PRO A 410 7.11 -12.16 12.23
N ARG A 411 8.05 -11.27 12.40
CA ARG A 411 8.59 -10.46 11.31
C ARG A 411 9.37 -11.28 10.31
N ALA A 412 10.19 -12.18 10.80
CA ALA A 412 11.06 -13.02 9.99
C ALA A 412 11.25 -14.35 10.68
N ALA A 413 11.06 -15.45 9.96
CA ALA A 413 11.17 -16.76 10.60
C ALA A 413 11.56 -17.76 9.57
N PRO A 414 12.58 -18.60 9.78
CA PRO A 414 13.03 -19.54 8.76
C PRO A 414 12.03 -20.68 8.59
N GLY A 415 11.62 -20.99 7.37
CA GLY A 415 10.72 -22.12 7.15
C GLY A 415 9.42 -21.94 7.91
N LEU A 416 8.84 -20.73 8.00
CA LEU A 416 7.57 -20.53 8.67
C LEU A 416 6.51 -21.42 8.06
N THR A 417 5.72 -22.11 8.90
CA THR A 417 4.62 -22.95 8.40
C THR A 417 3.28 -22.50 8.89
N GLU A 418 3.14 -21.91 10.06
CA GLU A 418 1.83 -21.57 10.57
C GLU A 418 1.95 -20.34 11.43
N VAL A 419 0.97 -19.47 11.34
CA VAL A 419 0.84 -18.29 12.13
C VAL A 419 -0.58 -18.22 12.66
N ALA A 420 -0.75 -18.07 13.96
CA ALA A 420 -2.06 -18.04 14.60
C ALA A 420 -2.03 -17.00 15.70
N THR A 421 -3.19 -16.73 16.31
CA THR A 421 -3.28 -15.74 17.35
C THR A 421 -2.35 -16.09 18.54
N GLU A 422 -2.26 -17.37 18.83
CA GLU A 422 -1.43 -17.85 19.96
C GLU A 422 0.02 -18.01 19.61
N GLY A 423 0.46 -17.84 18.38
CA GLY A 423 1.86 -17.83 18.07
C GLY A 423 2.14 -18.49 16.74
N PHE A 424 3.34 -18.99 16.52
CA PHE A 424 3.80 -19.40 15.20
C PHE A 424 4.74 -20.56 15.25
N ARG A 425 4.92 -21.24 14.16
CA ARG A 425 5.76 -22.42 14.12
C ARG A 425 6.36 -22.59 12.76
N GLY A 426 7.41 -23.36 12.63
CA GLY A 426 8.04 -23.58 11.35
C GLY A 426 9.10 -24.65 11.44
N ASP A 427 9.80 -24.84 10.36
CA ASP A 427 10.89 -25.81 10.30
C ASP A 427 11.97 -25.23 9.44
N GLY A 428 13.06 -24.79 10.05
CA GLY A 428 14.11 -24.18 9.26
C GLY A 428 15.25 -23.73 10.16
N SER A 429 16.26 -23.17 9.53
CA SER A 429 17.48 -22.76 10.22
C SER A 429 17.69 -21.28 10.08
N GLY A 430 17.84 -20.56 11.17
CA GLY A 430 18.16 -19.14 11.09
C GLY A 430 17.53 -18.39 12.27
N ARG A 431 17.64 -17.09 12.21
CA ARG A 431 17.21 -16.24 13.31
C ARG A 431 15.73 -15.87 13.22
N ILE A 432 15.00 -16.17 14.24
CA ILE A 432 13.61 -15.72 14.38
C ILE A 432 13.59 -14.31 14.89
N GLU A 433 12.75 -13.42 14.33
CA GLU A 433 12.50 -12.12 14.87
C GLU A 433 11.02 -11.89 14.97
N ALA A 434 10.48 -11.57 16.12
CA ALA A 434 9.04 -11.42 16.30
C ALA A 434 8.71 -10.20 17.11
N TRP A 435 7.49 -9.68 16.95
CA TRP A 435 6.96 -8.55 17.70
C TRP A 435 5.84 -8.99 18.62
N TYR A 436 5.79 -8.35 19.80
CA TYR A 436 4.67 -8.51 20.72
C TYR A 436 4.30 -7.14 21.27
N PRO A 437 3.03 -6.71 21.27
CA PRO A 437 2.67 -5.39 21.77
C PRO A 437 2.52 -5.39 23.29
N GLY A 438 2.62 -4.19 23.83
CA GLY A 438 2.13 -3.92 25.20
C GLY A 438 3.26 -3.91 26.21
N ALA A 439 2.90 -3.29 27.36
CA ALA A 439 3.89 -3.14 28.41
C ALA A 439 4.18 -4.43 29.15
N GLU A 440 3.21 -5.36 29.27
CA GLU A 440 3.40 -6.59 30.03
C GLU A 440 4.31 -7.52 29.23
N ARG A 441 5.24 -8.21 29.90
CA ARG A 441 6.14 -9.13 29.25
C ARG A 441 5.38 -10.28 28.63
N PRO A 442 5.68 -10.62 27.35
CA PRO A 442 5.10 -11.78 26.72
C PRO A 442 5.50 -12.99 27.56
N GLN A 443 4.57 -13.90 27.69
CA GLN A 443 4.76 -15.14 28.42
C GLN A 443 4.69 -16.23 27.39
N LEU A 444 5.87 -16.77 26.99
CA LEU A 444 5.97 -17.62 25.81
C LEU A 444 6.49 -19.02 26.13
N ASP A 445 6.13 -20.01 25.36
CA ASP A 445 6.72 -21.33 25.32
C ASP A 445 7.51 -21.42 24.04
N THR A 446 8.83 -21.53 24.12
CA THR A 446 9.70 -21.55 22.99
C THR A 446 10.35 -22.90 22.73
N VAL A 447 9.82 -23.69 21.83
CA VAL A 447 10.28 -25.06 21.64
C VAL A 447 11.33 -25.06 20.57
N ASN A 448 12.56 -25.48 20.91
CA ASN A 448 13.69 -25.60 19.99
C ASN A 448 14.13 -24.27 19.44
N VAL A 449 14.18 -23.27 20.30
CA VAL A 449 14.71 -21.96 19.98
C VAL A 449 15.87 -21.69 20.96
N ALA A 450 17.08 -21.53 20.41
CA ALA A 450 18.26 -21.24 21.24
C ALA A 450 18.44 -19.76 21.38
N ASP A 451 19.08 -19.36 22.49
CA ASP A 451 19.50 -17.96 22.71
C ASP A 451 18.33 -16.99 22.64
N VAL A 452 17.18 -17.40 23.18
CA VAL A 452 16.05 -16.50 23.16
C VAL A 452 16.34 -15.20 23.90
N ALA A 453 15.99 -14.04 23.38
CA ALA A 453 16.10 -12.76 24.08
C ALA A 453 14.86 -11.95 23.78
N LEU A 454 14.18 -11.48 24.82
CA LEU A 454 13.02 -10.63 24.71
C LEU A 454 13.49 -9.26 25.18
N THR A 455 13.43 -8.26 24.34
CA THR A 455 13.92 -6.92 24.56
C THR A 455 12.72 -5.98 24.61
N ARG A 456 12.55 -5.20 25.68
CA ARG A 456 11.56 -4.17 25.68
C ARG A 456 11.97 -3.14 24.67
N VAL A 457 11.00 -2.80 23.88
CA VAL A 457 11.24 -1.77 22.93
C VAL A 457 10.10 -0.81 23.13
N ASP A 458 10.19 0.29 22.44
CA ASP A 458 9.08 1.19 22.59
C ASP A 458 7.70 0.62 22.10
N GLY A 459 6.63 0.59 22.88
CA GLY A 459 5.31 0.06 22.60
C GLY A 459 5.15 -1.50 22.73
N GLY A 460 6.20 -2.19 23.02
CA GLY A 460 6.09 -3.64 23.07
C GLY A 460 7.43 -4.25 23.30
N TRP A 461 7.66 -5.37 22.62
CA TRP A 461 8.76 -6.26 22.84
C TRP A 461 9.20 -6.85 21.52
N ARG A 462 10.51 -7.03 21.36
CA ARG A 462 11.07 -7.76 20.22
C ARG A 462 11.69 -9.02 20.72
N LEU A 463 11.42 -10.16 20.09
CA LEU A 463 11.98 -11.44 20.37
C LEU A 463 13.00 -11.78 19.30
N ILE A 464 14.12 -12.33 19.70
CA ILE A 464 15.06 -12.99 18.82
C ILE A 464 15.40 -14.33 19.36
N GLY A 465 15.73 -15.26 18.49
CA GLY A 465 16.22 -16.55 18.88
C GLY A 465 16.66 -17.34 17.67
N GLU A 466 17.33 -18.45 17.82
CA GLU A 466 17.86 -19.22 16.71
C GLU A 466 17.18 -20.56 16.59
N ALA A 467 16.74 -20.90 15.36
CA ALA A 467 16.12 -22.18 15.05
C ALA A 467 17.09 -23.00 14.24
N ALA A 468 16.93 -24.33 14.30
CA ALA A 468 17.75 -25.25 13.52
C ALA A 468 16.96 -26.52 13.26
N GLY A 469 15.72 -26.39 12.80
CA GLY A 469 14.82 -27.52 12.60
C GLY A 469 13.40 -27.09 12.95
N GLU A 470 12.57 -28.02 13.41
CA GLU A 470 11.23 -27.67 13.83
C GLU A 470 11.30 -26.73 15.01
N TYR A 471 10.43 -25.76 15.12
CA TYR A 471 10.36 -24.88 16.25
C TYR A 471 8.98 -24.30 16.45
N SER A 472 8.68 -23.78 17.60
CA SER A 472 7.45 -23.05 17.77
C SER A 472 7.65 -22.03 18.84
N VAL A 473 6.88 -20.94 18.80
CA VAL A 473 6.88 -19.90 19.79
C VAL A 473 5.43 -19.60 20.07
N THR A 474 4.88 -19.97 21.23
CA THR A 474 3.44 -19.88 21.46
C THR A 474 3.23 -19.22 22.81
N THR A 475 2.06 -18.63 22.97
CA THR A 475 1.63 -18.31 24.34
C THR A 475 1.27 -19.55 25.17
N LEU A 476 1.70 -19.43 26.45
CA LEU A 476 1.63 -20.51 27.44
C LEU A 476 0.17 -20.85 27.78
#